data_4Y6D
#
_entry.id   4Y6D
#
_cell.length_a   56.863
_cell.length_b   72.729
_cell.length_c   78.586
_cell.angle_alpha   90.000
_cell.angle_beta   90.000
_cell.angle_gamma   90.000
#
_symmetry.space_group_name_H-M   'P 21 21 21'
#
loop_
_entity.id
_entity.type
_entity.pdbx_description
1 polymer 'Coagulation factor X'
2 polymer 'Coagulation factor X'
3 non-polymer 4-[(3S)-3-({[(E)-2-(5-chlorothiophen-2-yl)ethenyl]sulfonyl}amino)-2-oxopyrrolidin-1-yl]-3-fluoro-N,N-dimethylbenzamide
4 water water
#
loop_
_entity_poly.entity_id
_entity_poly.type
_entity_poly.pdbx_seq_one_letter_code
_entity_poly.pdbx_strand_id
1 'polypeptide(L)'
;IVGGQECKDGECPWQALLINEENEGFCGGTILSEFYILTAAHCLYQAKRFKVRVGDRNTEQEEGGEAVHEVEVVIKHNRF
TKETYDFDIAVLRLKTPITFRMNVAPACLPERDWAESTLMTQKTGIVSGFGRTHEKGRQSTRLKMLEVPYVDRNSCKLSS
SFIITQNMFCAGYDTKQEDACQGDSGGPHVTRFKDTYFVTGIVSWGEGCARKGKYGIYTKVTAFLKWIDRSMKTRGLPKA
KSHAPEVITSSPLK
;
A
2 'polypeptide(L)'
;EEMKKGHLERECMEETCSYEEAREVFEDSDKTNEFWNKYKDGDQCETSPCQNQGKCKDGLGEYTCTCLEGFEGKNCELFT
RKLCSLDNGDCDQFCHEEQNSVVCSCARGYTLADNGKACIPTGPYPCGKQTLER
;
B
#
loop_
_chem_comp.id
_chem_comp.type
_chem_comp.name
_chem_comp.formula
48U non-polymer 4-[(3S)-3-({[(E)-2-(5-chlorothiophen-2-yl)ethenyl]sulfonyl}amino)-2-oxopyrrolidin-1-yl]-3-fluoro-N,N-dimethylbenzamide 'C19 H19 Cl F N3 O4 S2'
#
# COMPACT_ATOMS: atom_id res chain seq x y z
N ILE A 1 12.28 -7.55 -0.73
CA ILE A 1 12.85 -6.19 -0.78
C ILE A 1 14.37 -6.24 -0.85
N VAL A 2 14.93 -5.60 -1.88
CA VAL A 2 16.36 -5.52 -2.08
C VAL A 2 16.83 -4.20 -1.48
N GLY A 3 17.83 -4.26 -0.61
CA GLY A 3 18.27 -3.09 0.12
C GLY A 3 17.22 -2.76 1.18
N GLY A 4 17.10 -1.49 1.52
CA GLY A 4 16.13 -1.09 2.55
C GLY A 4 16.54 -1.54 3.95
N GLN A 5 15.57 -1.55 4.85
N GLN A 5 15.58 -1.52 4.86
CA GLN A 5 15.82 -1.89 6.23
CA GLN A 5 15.81 -1.88 6.24
C GLN A 5 14.73 -2.81 6.77
C GLN A 5 14.73 -2.83 6.76
N GLU A 6 15.04 -3.50 7.87
CA GLU A 6 14.12 -4.38 8.54
C GLU A 6 13.01 -3.50 9.14
N CYS A 7 11.75 -3.93 9.08
CA CYS A 7 10.68 -3.21 9.78
C CYS A 7 10.89 -3.46 11.26
N LYS A 8 11.08 -2.40 12.04
CA LYS A 8 11.25 -2.54 13.47
C LYS A 8 9.86 -2.61 14.14
N ASP A 9 9.84 -2.90 15.43
CA ASP A 9 8.57 -3.10 16.15
C ASP A 9 7.57 -1.97 15.91
N GLY A 10 6.41 -2.35 15.37
CA GLY A 10 5.33 -1.40 15.10
C GLY A 10 5.45 -0.51 13.88
N GLU A 11 6.51 -0.63 13.10
CA GLU A 11 6.74 0.27 11.96
C GLU A 11 5.91 0.00 10.68
N CYS A 12 5.49 -1.25 10.49
CA CYS A 12 4.77 -1.63 9.26
C CYS A 12 3.55 -2.47 9.63
N PRO A 13 2.61 -1.91 10.42
CA PRO A 13 1.57 -2.76 10.99
C PRO A 13 0.46 -3.17 10.02
N TRP A 14 0.43 -2.51 8.89
CA TRP A 14 -0.54 -2.80 7.83
C TRP A 14 -0.11 -3.90 6.89
N GLN A 15 1.10 -4.43 7.06
CA GLN A 15 1.51 -5.51 6.18
C GLN A 15 0.71 -6.78 6.41
N ALA A 16 0.27 -7.39 5.31
CA ALA A 16 -0.34 -8.72 5.37
C ALA A 16 0.47 -9.66 4.48
N LEU A 17 0.39 -10.97 4.78
CA LEU A 17 1.13 -11.97 3.99
C LEU A 17 0.16 -13.06 3.56
N LEU A 18 0.15 -13.32 2.26
CA LEU A 18 -0.70 -14.38 1.71
C LEU A 18 0.13 -15.65 1.76
N ILE A 19 -0.41 -16.67 2.42
CA ILE A 19 0.31 -17.93 2.59
C ILE A 19 -0.43 -19.09 1.95
N ASN A 20 0.31 -19.96 1.27
CA ASN A 20 -0.29 -21.12 0.61
C ASN A 20 -0.60 -22.27 1.60
N GLU A 21 -1.06 -23.40 1.07
CA GLU A 21 -1.40 -24.59 1.87
C GLU A 21 -0.24 -25.10 2.71
N GLU A 22 0.98 -24.94 2.20
CA GLU A 22 2.19 -25.33 2.90
C GLU A 22 2.64 -24.24 3.88
N ASN A 23 1.75 -23.29 4.15
CA ASN A 23 2.02 -22.15 5.05
C ASN A 23 3.24 -21.29 4.67
N GLU A 24 3.51 -21.20 3.37
CA GLU A 24 4.61 -20.38 2.87
C GLU A 24 4.09 -19.10 2.17
N GLY A 25 4.75 -17.98 2.46
CA GLY A 25 4.35 -16.69 1.90
C GLY A 25 4.68 -16.58 0.43
N PHE A 26 3.74 -16.07 -0.36
CA PHE A 26 3.97 -15.93 -1.79
C PHE A 26 3.65 -14.54 -2.32
N CYS A 27 2.94 -13.75 -1.52
CA CYS A 27 2.53 -12.41 -1.92
C CYS A 27 2.19 -11.60 -0.69
N GLY A 28 2.25 -10.29 -0.84
CA GLY A 28 1.84 -9.40 0.25
C GLY A 28 0.42 -8.88 0.05
N GLY A 29 -0.04 -8.13 1.04
CA GLY A 29 -1.31 -7.45 1.02
C GLY A 29 -1.23 -6.28 2.00
N THR A 30 -2.25 -5.41 1.99
CA THR A 30 -2.32 -4.31 2.94
C THR A 30 -3.62 -4.40 3.73
N ILE A 31 -3.56 -4.27 5.06
CA ILE A 31 -4.76 -4.24 5.89
C ILE A 31 -5.50 -2.94 5.67
N LEU A 32 -6.78 -3.00 5.27
CA LEU A 32 -7.60 -1.79 5.07
C LEU A 32 -8.56 -1.56 6.23
N SER A 33 -8.98 -2.66 6.86
CA SER A 33 -9.96 -2.58 7.94
C SER A 33 -9.99 -3.95 8.60
N GLU A 34 -10.86 -4.13 9.61
CA GLU A 34 -10.82 -5.41 10.29
C GLU A 34 -11.21 -6.62 9.41
N PHE A 35 -11.98 -6.35 8.36
CA PHE A 35 -12.41 -7.42 7.46
C PHE A 35 -11.78 -7.41 6.08
N TYR A 36 -11.03 -6.37 5.72
CA TYR A 36 -10.55 -6.27 4.35
C TYR A 36 -9.05 -6.14 4.15
N ILE A 37 -8.57 -6.85 3.13
CA ILE A 37 -7.16 -6.83 2.72
C ILE A 37 -7.10 -6.40 1.25
N LEU A 38 -6.16 -5.51 0.92
CA LEU A 38 -5.88 -5.10 -0.46
C LEU A 38 -4.70 -5.89 -1.01
N THR A 39 -4.82 -6.43 -2.23
CA THR A 39 -3.69 -7.12 -2.83
C THR A 39 -3.70 -6.94 -4.36
N ALA A 40 -2.78 -7.61 -5.04
CA ALA A 40 -2.74 -7.59 -6.52
C ALA A 40 -3.59 -8.74 -7.06
N ALA A 41 -4.30 -8.46 -8.15
CA ALA A 41 -5.10 -9.48 -8.84
C ALA A 41 -4.22 -10.63 -9.32
N HIS A 42 -2.99 -10.33 -9.72
CA HIS A 42 -2.11 -11.36 -10.27
C HIS A 42 -1.67 -12.38 -9.25
N CYS A 43 -1.73 -12.01 -7.96
CA CYS A 43 -1.38 -12.92 -6.88
C CYS A 43 -2.37 -14.08 -6.74
N LEU A 44 -3.59 -13.87 -7.20
CA LEU A 44 -4.66 -14.85 -7.06
C LEU A 44 -4.48 -16.06 -7.99
N TYR A 45 -3.49 -15.98 -8.88
CA TYR A 45 -3.14 -17.09 -9.77
C TYR A 45 -1.97 -17.89 -9.21
N GLN A 46 -1.29 -17.34 -8.21
CA GLN A 46 -0.09 -17.95 -7.62
C GLN A 46 -0.36 -19.08 -6.61
N ALA A 47 -1.63 -19.28 -6.26
CA ALA A 47 -2.03 -20.34 -5.33
C ALA A 47 -3.54 -20.55 -5.42
N LYS A 48 -3.93 -21.82 -5.42
CA LYS A 48 -5.34 -22.23 -5.53
C LYS A 48 -6.14 -21.87 -4.27
N ARG A 49 -5.61 -22.22 -3.11
CA ARG A 49 -6.24 -21.92 -1.83
C ARG A 49 -5.18 -21.26 -0.96
N PHE A 50 -5.53 -20.16 -0.30
CA PHE A 50 -4.57 -19.43 0.52
C PHE A 50 -5.24 -18.79 1.74
N LYS A 51 -4.42 -18.40 2.70
CA LYS A 51 -4.90 -17.71 3.89
C LYS A 51 -4.08 -16.42 4.05
N VAL A 52 -4.50 -15.58 4.98
CA VAL A 52 -3.81 -14.31 5.23
C VAL A 52 -3.24 -14.27 6.64
N ARG A 53 -1.94 -14.01 6.76
CA ARG A 53 -1.29 -13.86 8.06
C ARG A 53 -1.04 -12.35 8.33
N VAL A 54 -1.30 -11.92 9.56
CA VAL A 54 -1.01 -10.53 9.96
C VAL A 54 -0.16 -10.58 11.21
N GLY A 55 0.54 -9.47 11.49
CA GLY A 55 1.29 -9.35 12.73
C GLY A 55 2.65 -9.98 12.80
N ASP A 56 3.05 -10.70 11.76
CA ASP A 56 4.35 -11.36 11.83
C ASP A 56 5.42 -10.47 11.22
N ARG A 57 6.54 -10.34 11.92
CA ARG A 57 7.69 -9.61 11.37
C ARG A 57 8.79 -10.61 11.10
N ASN A 58 8.76 -11.71 11.83
CA ASN A 58 9.76 -12.77 11.69
C ASN A 58 9.02 -14.09 11.46
N THR A 59 9.12 -14.64 10.25
CA THR A 59 8.42 -15.88 9.88
C THR A 59 8.95 -17.15 10.58
N GLU A 60 9.96 -16.98 11.43
CA GLU A 60 10.55 -18.11 12.15
C GLU A 60 10.15 -18.17 13.63
N GLN A 61 9.33 -17.22 14.07
CA GLN A 61 8.86 -17.17 15.47
C GLN A 61 7.37 -16.87 15.58
N GLU A 62 6.73 -17.41 16.62
CA GLU A 62 5.30 -17.19 16.84
C GLU A 62 5.05 -16.20 17.97
N ALA A 67 -1.62 -13.83 13.74
CA ALA A 67 -2.95 -14.36 13.54
C ALA A 67 -3.18 -14.72 12.06
N VAL A 68 -3.75 -15.90 11.84
CA VAL A 68 -4.02 -16.42 10.50
C VAL A 68 -5.52 -16.35 10.22
N HIS A 69 -5.88 -15.78 9.09
CA HIS A 69 -7.27 -15.57 8.72
C HIS A 69 -7.62 -16.23 7.43
N GLU A 70 -8.75 -16.93 7.42
CA GLU A 70 -9.24 -17.50 6.19
C GLU A 70 -9.98 -16.43 5.38
N VAL A 71 -10.04 -16.62 4.07
CA VAL A 71 -10.68 -15.69 3.16
C VAL A 71 -12.13 -16.13 2.87
N GLU A 72 -13.06 -15.21 3.07
CA GLU A 72 -14.47 -15.48 2.78
C GLU A 72 -14.84 -15.16 1.33
N VAL A 73 -14.45 -13.98 0.87
CA VAL A 73 -14.77 -13.52 -0.48
C VAL A 73 -13.52 -12.94 -1.14
N VAL A 74 -13.25 -13.37 -2.38
CA VAL A 74 -12.17 -12.80 -3.17
C VAL A 74 -12.80 -11.91 -4.24
N ILE A 75 -12.45 -10.62 -4.23
CA ILE A 75 -12.98 -9.68 -5.22
C ILE A 75 -11.85 -9.21 -6.14
N LYS A 76 -11.81 -9.78 -7.34
CA LYS A 76 -10.76 -9.49 -8.30
C LYS A 76 -11.30 -8.49 -9.31
N HIS A 77 -10.48 -7.52 -9.71
CA HIS A 77 -10.95 -6.59 -10.75
C HIS A 77 -11.23 -7.39 -12.00
N ASN A 78 -12.44 -7.26 -12.53
CA ASN A 78 -12.84 -8.05 -13.72
C ASN A 78 -12.05 -7.70 -15.00
N ARG A 79 -11.39 -6.55 -14.99
CA ARG A 79 -10.61 -6.12 -16.16
C ARG A 79 -9.13 -6.50 -16.11
N PHE A 80 -8.69 -7.15 -15.03
CA PHE A 80 -7.29 -7.56 -14.99
C PHE A 80 -6.99 -8.63 -16.04
N THR A 81 -5.84 -8.51 -16.68
CA THR A 81 -5.33 -9.50 -17.62
C THR A 81 -3.81 -9.59 -17.54
N LYS A 82 -3.27 -10.79 -17.67
CA LYS A 82 -1.83 -10.97 -17.64
C LYS A 82 -1.12 -10.41 -18.88
N GLU A 83 -1.89 -10.21 -19.95
CA GLU A 83 -1.38 -9.65 -21.20
C GLU A 83 -0.80 -8.24 -21.03
N THR A 84 -1.39 -7.47 -20.13
CA THR A 84 -0.99 -6.08 -19.92
C THR A 84 -0.61 -5.76 -18.48
N TYR A 85 -1.11 -6.59 -17.56
CA TYR A 85 -1.01 -6.36 -16.10
C TYR A 85 -1.78 -5.12 -15.66
N ASP A 86 -2.68 -4.65 -16.50
CA ASP A 86 -3.48 -3.47 -16.17
C ASP A 86 -4.58 -3.91 -15.20
N PHE A 87 -5.05 -2.98 -14.37
CA PHE A 87 -6.09 -3.23 -13.36
C PHE A 87 -5.63 -4.31 -12.36
N ASP A 88 -4.36 -4.26 -11.96
CA ASP A 88 -3.79 -5.29 -11.07
C ASP A 88 -4.20 -5.03 -9.60
N ILE A 89 -5.44 -5.36 -9.27
CA ILE A 89 -6.01 -5.07 -7.94
C ILE A 89 -7.06 -6.11 -7.52
N ALA A 90 -7.04 -6.47 -6.24
CA ALA A 90 -8.06 -7.35 -5.69
C ALA A 90 -8.29 -6.97 -4.24
N VAL A 91 -9.50 -7.24 -3.75
CA VAL A 91 -9.82 -7.03 -2.34
C VAL A 91 -10.27 -8.37 -1.76
N LEU A 92 -9.80 -8.68 -0.56
CA LEU A 92 -10.18 -9.91 0.16
C LEU A 92 -11.02 -9.59 1.37
N ARG A 93 -12.20 -10.22 1.50
CA ARG A 93 -12.97 -10.10 2.75
C ARG A 93 -12.65 -11.34 3.55
N LEU A 94 -12.30 -11.15 4.83
CA LEU A 94 -11.95 -12.24 5.72
C LEU A 94 -13.18 -12.82 6.42
N LYS A 95 -13.06 -14.09 6.81
CA LYS A 95 -14.13 -14.80 7.53
C LYS A 95 -14.28 -14.26 8.94
N THR A 96 -13.15 -13.92 9.55
CA THR A 96 -13.14 -13.41 10.93
C THR A 96 -12.41 -12.07 10.95
N PRO A 97 -12.84 -11.13 11.82
CA PRO A 97 -12.13 -9.84 11.84
C PRO A 97 -10.75 -9.87 12.49
N ILE A 98 -9.85 -9.05 11.95
CA ILE A 98 -8.52 -8.89 12.47
C ILE A 98 -8.58 -8.10 13.79
N THR A 99 -7.82 -8.58 14.78
CA THR A 99 -7.67 -7.89 16.05
C THR A 99 -6.46 -6.97 15.94
N PHE A 100 -6.70 -5.67 16.02
CA PHE A 100 -5.60 -4.71 15.96
C PHE A 100 -4.85 -4.72 17.29
N ARG A 101 -3.53 -4.56 17.17
CA ARG A 101 -2.60 -4.69 18.28
C ARG A 101 -1.26 -4.19 17.81
N MET A 102 -0.23 -4.29 18.66
CA MET A 102 1.10 -3.91 18.18
C MET A 102 1.38 -4.77 16.93
N ASN A 103 1.84 -4.11 15.88
CA ASN A 103 2.19 -4.72 14.59
C ASN A 103 1.01 -5.13 13.72
N VAL A 104 -0.21 -4.77 14.15
CA VAL A 104 -1.41 -5.08 13.36
C VAL A 104 -2.37 -3.89 13.38
N ALA A 105 -2.40 -3.13 12.31
CA ALA A 105 -3.27 -1.94 12.21
C ALA A 105 -3.48 -1.60 10.75
N PRO A 106 -4.62 -0.98 10.41
CA PRO A 106 -4.88 -0.68 9.00
C PRO A 106 -4.10 0.55 8.50
N ALA A 107 -3.86 0.61 7.20
CA ALA A 107 -3.33 1.81 6.56
C ALA A 107 -4.54 2.65 6.18
N CYS A 108 -4.38 3.96 6.07
CA CYS A 108 -5.53 4.78 5.70
C CYS A 108 -5.76 4.86 4.20
N LEU A 109 -7.04 4.82 3.79
CA LEU A 109 -7.39 5.10 2.41
C LEU A 109 -7.61 6.59 2.26
N PRO A 110 -6.91 7.25 1.34
CA PRO A 110 -7.09 8.70 1.18
C PRO A 110 -8.25 9.03 0.26
N GLU A 111 -8.65 10.30 0.24
CA GLU A 111 -9.64 10.75 -0.73
C GLU A 111 -8.86 10.96 -2.02
N ARG A 112 -9.51 10.68 -3.16
CA ARG A 112 -8.80 10.70 -4.43
C ARG A 112 -8.11 12.01 -4.85
N ASP A 113 -8.84 13.13 -4.91
CA ASP A 113 -8.21 14.36 -5.36
C ASP A 113 -7.03 14.79 -4.49
N TRP A 114 -7.23 14.68 -3.18
CA TRP A 114 -6.20 15.05 -2.25
C TRP A 114 -4.99 14.15 -2.38
N ALA A 115 -5.22 12.84 -2.53
CA ALA A 115 -4.11 11.93 -2.73
C ALA A 115 -3.30 12.27 -3.98
N GLU A 116 -3.97 12.60 -5.09
CA GLU A 116 -3.26 12.94 -6.32
C GLU A 116 -2.46 14.23 -6.18
N SER A 117 -3.05 15.22 -5.50
CA SER A 117 -2.40 16.51 -5.34
C SER A 117 -1.36 16.59 -4.23
N THR A 118 -1.54 15.78 -3.18
CA THR A 118 -0.72 15.91 -1.97
C THR A 118 0.15 14.70 -1.66
N LEU A 119 -0.36 13.50 -1.91
CA LEU A 119 0.47 12.31 -1.63
C LEU A 119 1.39 11.92 -2.77
N MET A 120 0.83 11.83 -3.97
CA MET A 120 1.60 11.40 -5.13
C MET A 120 2.64 12.41 -5.60
N THR A 121 2.57 13.61 -5.05
CA THR A 121 3.49 14.69 -5.36
C THR A 121 4.59 14.78 -4.28
N GLN A 122 4.54 13.90 -3.28
CA GLN A 122 5.61 13.85 -2.26
C GLN A 122 6.88 13.28 -2.92
N LYS A 123 8.01 13.46 -2.27
CA LYS A 123 9.27 12.97 -2.81
C LYS A 123 9.32 11.44 -2.85
N THR A 124 8.82 10.82 -1.78
CA THR A 124 8.94 9.37 -1.63
C THR A 124 7.71 8.67 -1.03
N GLY A 125 7.72 7.36 -1.21
CA GLY A 125 6.75 6.47 -0.60
C GLY A 125 7.55 5.36 0.07
N ILE A 126 6.85 4.43 0.71
CA ILE A 126 7.49 3.28 1.38
C ILE A 126 6.86 1.98 0.90
N VAL A 127 7.71 1.06 0.45
CA VAL A 127 7.25 -0.26 0.04
C VAL A 127 7.74 -1.27 1.09
N SER A 128 6.99 -2.35 1.31
CA SER A 128 7.38 -3.32 2.32
C SER A 128 6.98 -4.73 1.92
N GLY A 129 7.63 -5.72 2.51
CA GLY A 129 7.30 -7.11 2.26
C GLY A 129 8.36 -8.10 2.71
N PHE A 130 8.03 -9.36 2.52
CA PHE A 130 8.85 -10.51 2.87
C PHE A 130 9.47 -11.13 1.62
N GLY A 131 9.53 -10.37 0.53
CA GLY A 131 10.09 -10.91 -0.71
C GLY A 131 11.58 -11.15 -0.66
N ARG A 132 12.11 -11.64 -1.80
CA ARG A 132 13.54 -11.86 -1.93
C ARG A 132 14.37 -10.61 -1.67
N THR A 133 15.57 -10.81 -1.15
CA THR A 133 16.48 -9.71 -0.86
C THR A 133 17.49 -9.52 -1.99
N HIS A 134 17.44 -10.43 -2.97
CA HIS A 134 18.23 -10.35 -4.21
C HIS A 134 17.42 -10.98 -5.29
N GLU A 135 17.69 -10.63 -6.55
CA GLU A 135 16.89 -11.20 -7.64
C GLU A 135 16.93 -12.74 -7.60
N LYS A 136 18.12 -13.28 -7.29
CA LYS A 136 18.28 -14.71 -7.06
C LYS A 136 18.51 -14.90 -5.56
N GLY A 137 17.52 -15.47 -4.89
CA GLY A 137 17.59 -15.71 -3.46
C GLY A 137 16.30 -16.30 -2.93
N ARG A 138 16.29 -16.56 -1.62
CA ARG A 138 15.12 -17.12 -0.96
C ARG A 138 14.30 -15.95 -0.39
N GLN A 139 13.03 -16.21 -0.06
CA GLN A 139 12.16 -15.21 0.57
C GLN A 139 12.78 -14.80 1.91
N SER A 140 12.65 -13.51 2.26
CA SER A 140 13.17 -13.00 3.53
C SER A 140 12.35 -13.55 4.71
N THR A 141 13.03 -13.93 5.79
CA THR A 141 12.30 -14.38 6.97
C THR A 141 11.88 -13.16 7.81
N ARG A 142 12.40 -12.00 7.45
CA ARG A 142 12.14 -10.77 8.20
C ARG A 142 11.41 -9.79 7.29
N LEU A 143 10.39 -9.14 7.85
CA LEU A 143 9.70 -8.10 7.10
C LEU A 143 10.63 -6.90 6.86
N LYS A 144 10.71 -6.42 5.62
CA LYS A 144 11.58 -5.30 5.27
C LYS A 144 10.78 -4.14 4.68
N MET A 145 11.34 -2.95 4.75
CA MET A 145 10.72 -1.75 4.17
C MET A 145 11.79 -0.99 3.42
N LEU A 146 11.36 -0.18 2.46
CA LEU A 146 12.27 0.59 1.64
C LEU A 146 11.63 1.89 1.22
N GLU A 147 12.34 3.00 1.40
CA GLU A 147 11.88 4.31 0.93
C GLU A 147 12.17 4.37 -0.57
N VAL A 148 11.12 4.64 -1.35
CA VAL A 148 11.24 4.70 -2.80
C VAL A 148 10.77 6.03 -3.35
N PRO A 149 11.67 6.75 -4.06
CA PRO A 149 11.18 7.99 -4.64
C PRO A 149 10.13 7.74 -5.74
N TYR A 150 9.19 8.68 -5.85
CA TYR A 150 8.26 8.67 -6.96
C TYR A 150 9.04 9.01 -8.22
N VAL A 151 8.72 8.35 -9.33
CA VAL A 151 9.43 8.57 -10.58
C VAL A 151 8.53 9.31 -11.54
N ASP A 152 9.09 10.35 -12.15
CA ASP A 152 8.45 11.15 -13.18
C ASP A 152 7.87 10.19 -14.22
N ARG A 153 6.64 10.45 -14.61
CA ARG A 153 5.93 9.58 -15.52
C ARG A 153 6.57 9.42 -16.91
N ASN A 154 7.16 10.49 -17.42
CA ASN A 154 7.86 10.44 -18.70
C ASN A 154 9.09 9.51 -18.58
N SER A 155 9.89 9.74 -17.55
CA SER A 155 11.06 8.91 -17.27
C SER A 155 10.65 7.45 -17.16
N CYS A 156 9.53 7.22 -16.46
CA CYS A 156 8.96 5.89 -16.28
C CYS A 156 8.66 5.21 -17.62
N LYS A 157 7.92 5.91 -18.48
CA LYS A 157 7.54 5.35 -19.80
C LYS A 157 8.76 5.10 -20.67
N LEU A 158 9.71 6.02 -20.64
CA LEU A 158 10.93 5.88 -21.46
C LEU A 158 11.72 4.62 -21.11
N SER A 159 11.85 4.35 -19.81
CA SER A 159 12.64 3.22 -19.29
C SER A 159 12.00 1.85 -19.45
N SER A 160 10.72 1.82 -19.80
CA SER A 160 9.98 0.57 -19.80
C SER A 160 9.87 -0.14 -21.14
N SER A 161 9.95 -1.47 -21.08
CA SER A 161 9.80 -2.34 -22.25
C SER A 161 8.33 -2.70 -22.44
N PHE A 162 7.49 -2.28 -21.51
CA PHE A 162 6.06 -2.56 -21.54
C PHE A 162 5.29 -1.27 -21.33
N ILE A 163 4.03 -1.25 -21.74
CA ILE A 163 3.21 -0.06 -21.63
C ILE A 163 2.82 0.22 -20.17
N ILE A 164 3.10 1.44 -19.74
CA ILE A 164 2.72 1.91 -18.42
C ILE A 164 1.37 2.60 -18.58
N THR A 165 0.29 1.99 -18.08
CA THR A 165 -1.05 2.54 -18.20
C THR A 165 -1.30 3.58 -17.11
N GLN A 166 -2.43 4.28 -17.19
CA GLN A 166 -2.76 5.29 -16.20
C GLN A 166 -3.14 4.66 -14.87
N ASN A 167 -3.29 3.35 -14.85
CA ASN A 167 -3.55 2.64 -13.58
C ASN A 167 -2.27 2.21 -12.88
N MET A 168 -1.14 2.65 -13.42
CA MET A 168 0.18 2.30 -12.87
C MET A 168 1.01 3.54 -12.61
N PHE A 169 1.98 3.41 -11.71
CA PHE A 169 2.98 4.43 -11.49
C PHE A 169 4.32 3.75 -11.17
N CYS A 170 5.42 4.47 -11.42
CA CYS A 170 6.78 4.01 -11.15
C CYS A 170 7.35 4.58 -9.88
N ALA A 171 8.14 3.77 -9.18
CA ALA A 171 8.85 4.26 -8.01
C ALA A 171 10.14 3.48 -7.86
N GLY A 172 11.13 4.13 -7.27
CA GLY A 172 12.40 3.47 -7.02
C GLY A 172 13.56 4.30 -7.52
N TYR A 173 14.62 3.59 -7.86
CA TYR A 173 15.87 4.21 -8.26
C TYR A 173 16.33 3.77 -9.63
N ASP A 174 17.03 4.68 -10.32
CA ASP A 174 17.56 4.41 -11.66
C ASP A 174 18.65 3.36 -11.59
N THR A 175 19.68 3.63 -10.79
CA THR A 175 20.83 2.74 -10.67
C THR A 175 21.09 2.19 -9.27
N LYS A 176 20.67 2.93 -8.23
CA LYS A 176 20.85 2.48 -6.84
C LYS A 176 20.20 1.12 -6.66
N GLN A 177 20.93 0.20 -6.02
CA GLN A 177 20.49 -1.19 -5.86
C GLN A 177 19.45 -1.45 -4.77
N GLU A 178 18.29 -0.84 -4.92
CA GLU A 178 17.18 -1.01 -3.96
C GLU A 178 15.89 -1.06 -4.75
N ASP A 179 15.02 -2.02 -4.39
CA ASP A 179 13.76 -2.24 -5.11
C ASP A 179 12.93 -3.30 -4.38
N ALA A 180 11.65 -3.42 -4.78
CA ALA A 180 10.82 -4.54 -4.36
C ALA A 180 11.35 -5.72 -5.18
N CYS A 181 10.93 -6.93 -4.84
CA CYS A 181 11.38 -8.10 -5.57
C CYS A 181 10.35 -9.23 -5.47
N GLN A 182 10.70 -10.40 -5.97
N GLN A 182 10.70 -10.40 -5.96
CA GLN A 182 9.78 -11.54 -5.98
CA GLN A 182 9.83 -11.57 -5.95
C GLN A 182 9.28 -11.88 -4.57
C GLN A 182 9.29 -11.87 -4.55
N GLY A 183 7.96 -11.98 -4.43
CA GLY A 183 7.32 -12.28 -3.15
C GLY A 183 6.72 -11.04 -2.50
N ASP A 184 7.20 -9.86 -2.93
CA ASP A 184 6.68 -8.58 -2.44
C ASP A 184 5.39 -8.15 -3.14
N SER A 185 5.07 -8.77 -4.28
N SER A 185 5.11 -8.69 -4.33
CA SER A 185 3.85 -8.44 -5.05
CA SER A 185 3.91 -8.26 -5.07
C SER A 185 2.58 -8.48 -4.22
C SER A 185 2.62 -8.45 -4.26
N GLY A 186 1.69 -7.52 -4.47
CA GLY A 186 0.44 -7.45 -3.73
C GLY A 186 0.55 -6.62 -2.47
N GLY A 187 1.80 -6.38 -2.03
CA GLY A 187 2.06 -5.64 -0.80
C GLY A 187 1.86 -4.14 -0.84
N PRO A 188 2.04 -3.50 0.31
CA PRO A 188 1.81 -2.06 0.39
C PRO A 188 2.85 -1.15 -0.15
N HIS A 189 2.36 -0.08 -0.79
CA HIS A 189 3.12 1.11 -1.07
C HIS A 189 2.30 2.17 -0.33
N VAL A 190 2.90 2.78 0.67
CA VAL A 190 2.26 3.82 1.49
C VAL A 190 3.03 5.12 1.41
N THR A 191 2.32 6.21 1.61
CA THR A 191 2.94 7.53 1.63
C THR A 191 2.61 8.22 2.94
N ARG A 192 3.66 8.74 3.58
CA ARG A 192 3.53 9.43 4.86
C ARG A 192 3.15 10.90 4.65
N PHE A 193 2.20 11.38 5.44
CA PHE A 193 1.85 12.78 5.44
C PHE A 193 1.59 13.12 6.90
N LYS A 194 2.41 14.00 7.49
CA LYS A 194 2.26 14.37 8.91
C LYS A 194 2.07 13.17 9.85
N ASP A 195 2.98 12.22 9.78
CA ASP A 195 2.95 11.01 10.63
C ASP A 195 1.74 10.09 10.47
N THR A 196 1.02 10.22 9.37
CA THR A 196 -0.09 9.29 9.04
C THR A 196 0.22 8.66 7.69
N TYR A 197 0.06 7.33 7.62
CA TYR A 197 0.44 6.60 6.41
C TYR A 197 -0.77 6.19 5.58
N PHE A 198 -0.78 6.62 4.32
CA PHE A 198 -1.91 6.35 3.45
C PHE A 198 -1.51 5.36 2.39
N VAL A 199 -2.38 4.40 2.07
CA VAL A 199 -2.06 3.47 0.97
C VAL A 199 -2.17 4.20 -0.38
N THR A 200 -1.06 4.14 -1.12
CA THR A 200 -0.94 4.79 -2.41
C THR A 200 -0.66 3.84 -3.57
N GLY A 201 -0.15 2.65 -3.29
CA GLY A 201 0.12 1.72 -4.34
C GLY A 201 0.05 0.27 -3.89
N ILE A 202 0.02 -0.61 -4.88
CA ILE A 202 0.14 -2.05 -4.69
C ILE A 202 1.36 -2.51 -5.48
N VAL A 203 2.23 -3.29 -4.86
CA VAL A 203 3.39 -3.81 -5.59
C VAL A 203 2.88 -4.67 -6.74
N SER A 204 3.23 -4.29 -7.98
CA SER A 204 2.65 -4.99 -9.15
C SER A 204 3.64 -5.80 -9.98
N TRP A 205 4.62 -5.13 -10.58
CA TRP A 205 5.60 -5.81 -11.45
C TRP A 205 6.86 -5.02 -11.67
N GLY A 206 7.90 -5.67 -12.22
CA GLY A 206 9.15 -5.00 -12.51
C GLY A 206 9.98 -5.87 -13.43
N GLU A 207 10.87 -5.26 -14.21
CA GLU A 207 11.73 -6.04 -15.11
C GLU A 207 12.94 -6.49 -14.30
N GLY A 208 12.76 -7.57 -13.56
CA GLY A 208 13.75 -8.03 -12.60
C GLY A 208 13.65 -7.21 -11.31
N CYS A 209 14.74 -7.17 -10.54
CA CYS A 209 14.77 -6.42 -9.29
C CYS A 209 15.99 -5.52 -9.23
N ALA A 210 15.77 -4.24 -8.97
CA ALA A 210 16.83 -3.25 -8.82
C ALA A 210 17.79 -3.14 -10.00
N ARG A 211 17.31 -3.47 -11.20
CA ARG A 211 18.12 -3.42 -12.42
C ARG A 211 18.38 -1.99 -12.86
N LYS A 212 19.56 -1.75 -13.44
CA LYS A 212 19.88 -0.40 -13.90
C LYS A 212 18.93 0.06 -15.00
N GLY A 213 18.50 1.32 -14.88
CA GLY A 213 17.56 1.91 -15.83
C GLY A 213 16.14 1.37 -15.79
N LYS A 214 15.80 0.61 -14.76
CA LYS A 214 14.44 0.08 -14.59
C LYS A 214 13.89 0.50 -13.22
N TYR A 215 12.57 0.61 -13.14
CA TYR A 215 11.93 1.00 -11.88
C TYR A 215 10.88 -0.03 -11.50
N GLY A 216 10.39 0.05 -10.26
CA GLY A 216 9.31 -0.82 -9.83
C GLY A 216 8.00 -0.21 -10.28
N ILE A 217 7.07 -1.06 -10.70
CA ILE A 217 5.76 -0.63 -11.17
C ILE A 217 4.68 -1.03 -10.16
N TYR A 218 3.86 -0.04 -9.82
CA TYR A 218 2.83 -0.19 -8.79
C TYR A 218 1.46 0.15 -9.30
N THR A 219 0.45 -0.57 -8.82
CA THR A 219 -0.94 -0.22 -9.15
C THR A 219 -1.26 1.08 -8.43
N LYS A 220 -1.83 2.04 -9.18
CA LYS A 220 -2.15 3.35 -8.65
C LYS A 220 -3.48 3.26 -7.90
N VAL A 221 -3.41 3.24 -6.57
CA VAL A 221 -4.61 3.07 -5.74
C VAL A 221 -5.64 4.19 -5.98
N THR A 222 -5.18 5.42 -6.25
CA THR A 222 -6.11 6.54 -6.48
C THR A 222 -7.09 6.24 -7.62
N ALA A 223 -6.63 5.47 -8.60
CA ALA A 223 -7.48 5.11 -9.76
C ALA A 223 -8.59 4.15 -9.36
N PHE A 224 -8.52 3.55 -8.16
CA PHE A 224 -9.48 2.53 -7.73
C PHE A 224 -10.18 2.78 -6.40
N LEU A 225 -10.15 4.01 -5.91
CA LEU A 225 -10.72 4.30 -4.60
C LEU A 225 -12.20 4.03 -4.57
N LYS A 226 -12.90 4.42 -5.64
CA LYS A 226 -14.35 4.15 -5.68
C LYS A 226 -14.61 2.64 -5.77
N TRP A 227 -13.79 1.96 -6.56
CA TRP A 227 -13.88 0.50 -6.72
C TRP A 227 -13.63 -0.20 -5.40
N ILE A 228 -12.59 0.23 -4.67
CA ILE A 228 -12.30 -0.33 -3.34
C ILE A 228 -13.47 -0.07 -2.37
N ASP A 229 -13.98 1.16 -2.34
N ASP A 229 -13.99 1.15 -2.37
CA ASP A 229 -15.12 1.50 -1.46
CA ASP A 229 -15.12 1.55 -1.51
C ASP A 229 -16.31 0.60 -1.73
C ASP A 229 -16.32 0.65 -1.74
N ARG A 230 -16.63 0.38 -3.01
CA ARG A 230 -17.74 -0.50 -3.39
C ARG A 230 -17.49 -1.96 -3.00
N SER A 231 -16.25 -2.43 -3.14
N SER A 231 -16.25 -2.43 -3.14
CA SER A 231 -15.90 -3.81 -2.82
CA SER A 231 -15.92 -3.82 -2.80
C SER A 231 -15.95 -4.07 -1.31
C SER A 231 -16.02 -4.06 -1.30
N MET A 232 -15.83 -3.01 -0.51
CA MET A 232 -15.88 -3.12 0.96
C MET A 232 -17.30 -3.07 1.51
N LYS A 233 -18.26 -3.01 0.60
CA LYS A 233 -19.68 -3.00 0.95
C LYS A 233 -20.38 -4.18 0.27
N THR A 234 -19.88 -5.38 0.53
CA THR A 234 -20.39 -6.66 0.00
C THR A 234 -19.33 -7.41 -0.81
N ARG B 81 1.08 30.39 -3.74
CA ARG B 81 0.37 29.31 -3.01
C ARG B 81 -0.68 29.87 -2.05
N LYS B 82 -1.92 29.42 -2.22
CA LYS B 82 -3.01 29.86 -1.38
C LYS B 82 -3.90 28.67 -1.01
N LEU B 83 -4.67 28.83 0.05
CA LEU B 83 -5.64 27.84 0.53
C LEU B 83 -5.01 26.44 0.69
N CYS B 84 -5.57 25.42 0.04
CA CYS B 84 -5.01 24.06 0.18
C CYS B 84 -3.57 23.90 -0.33
N SER B 85 -3.16 24.80 -1.21
N SER B 85 -3.14 24.79 -1.22
CA SER B 85 -1.81 24.77 -1.77
CA SER B 85 -1.79 24.74 -1.76
C SER B 85 -0.77 25.33 -0.79
C SER B 85 -0.76 25.34 -0.80
N LEU B 86 -1.24 26.00 0.26
CA LEU B 86 -0.39 26.60 1.26
C LEU B 86 -0.41 25.71 2.49
N ASP B 87 0.63 24.90 2.61
CA ASP B 87 0.83 23.95 3.71
C ASP B 87 -0.42 23.13 4.01
N ASN B 88 -1.06 22.61 2.96
CA ASN B 88 -2.25 21.77 3.13
C ASN B 88 -3.42 22.45 3.87
N GLY B 89 -3.50 23.78 3.75
CA GLY B 89 -4.55 24.56 4.37
C GLY B 89 -4.49 24.48 5.89
N ASP B 90 -3.33 24.04 6.41
CA ASP B 90 -3.13 23.82 7.84
C ASP B 90 -3.94 22.61 8.34
N CYS B 91 -4.47 21.78 7.42
CA CYS B 91 -5.25 20.59 7.79
C CYS B 91 -4.33 19.44 8.16
N ASP B 92 -4.78 18.59 9.09
CA ASP B 92 -4.00 17.40 9.43
C ASP B 92 -4.00 16.40 8.29
N GLN B 93 -5.16 16.25 7.65
CA GLN B 93 -5.32 15.24 6.60
C GLN B 93 -5.90 15.84 5.34
N PHE B 94 -7.16 15.55 5.01
CA PHE B 94 -7.68 15.99 3.72
C PHE B 94 -8.00 17.49 3.72
N CYS B 95 -7.67 18.15 2.60
CA CYS B 95 -7.96 19.58 2.42
C CYS B 95 -8.72 19.71 1.10
N HIS B 96 -9.83 20.47 1.15
CA HIS B 96 -10.63 20.79 -0.04
C HIS B 96 -10.93 22.25 -0.03
N GLU B 97 -11.23 22.80 -1.20
CA GLU B 97 -11.60 24.21 -1.30
C GLU B 97 -13.08 24.27 -1.68
N GLU B 98 -13.87 24.92 -0.83
CA GLU B 98 -15.30 25.08 -1.04
C GLU B 98 -15.63 26.56 -0.89
N GLN B 99 -16.12 27.15 -1.98
CA GLN B 99 -16.45 28.58 -2.02
C GLN B 99 -15.26 29.46 -1.61
N ASN B 100 -14.10 29.13 -2.16
CA ASN B 100 -12.84 29.86 -1.97
C ASN B 100 -12.27 29.88 -0.53
N SER B 101 -12.62 28.86 0.26
CA SER B 101 -12.04 28.73 1.60
C SER B 101 -11.71 27.27 1.89
N VAL B 102 -10.75 27.06 2.79
CA VAL B 102 -10.30 25.71 3.19
C VAL B 102 -11.35 24.97 4.01
N VAL B 103 -11.58 23.70 3.65
CA VAL B 103 -12.42 22.81 4.43
C VAL B 103 -11.54 21.56 4.65
N CYS B 104 -11.24 21.28 5.92
CA CYS B 104 -10.46 20.07 6.29
C CYS B 104 -11.39 18.90 6.58
N SER B 105 -10.88 17.68 6.39
CA SER B 105 -11.62 16.49 6.75
C SER B 105 -10.65 15.38 7.09
N CYS B 106 -11.16 14.24 7.56
CA CYS B 106 -10.30 13.16 8.04
C CYS B 106 -10.70 11.79 7.53
N ALA B 107 -9.77 10.85 7.61
CA ALA B 107 -10.06 9.45 7.24
C ALA B 107 -11.02 8.84 8.22
N ARG B 108 -11.63 7.73 7.80
CA ARG B 108 -12.54 7.00 8.66
C ARG B 108 -11.80 6.59 9.92
N GLY B 109 -12.46 6.71 11.06
CA GLY B 109 -11.86 6.38 12.34
C GLY B 109 -11.25 7.58 13.06
N TYR B 110 -11.33 8.74 12.43
CA TYR B 110 -10.89 10.02 13.03
C TYR B 110 -12.06 10.99 13.04
N THR B 111 -12.08 11.86 14.03
CA THR B 111 -13.08 12.92 14.07
C THR B 111 -12.35 14.24 13.85
N LEU B 112 -12.98 15.18 13.14
CA LEU B 112 -12.38 16.49 12.95
C LEU B 112 -12.50 17.25 14.28
N ALA B 113 -11.39 17.84 14.71
CA ALA B 113 -11.32 18.56 15.98
C ALA B 113 -12.13 19.84 15.95
N ASP B 114 -12.34 20.41 17.14
CA ASP B 114 -13.09 21.66 17.28
C ASP B 114 -12.53 22.79 16.44
N ASN B 115 -11.22 22.81 16.23
CA ASN B 115 -10.57 23.84 15.40
C ASN B 115 -10.80 23.69 13.88
N GLY B 116 -11.44 22.58 13.51
CA GLY B 116 -11.74 22.29 12.10
C GLY B 116 -10.53 21.91 11.26
N LYS B 117 -9.41 21.56 11.90
CA LYS B 117 -8.17 21.28 11.19
C LYS B 117 -7.54 19.95 11.62
N ALA B 118 -7.45 19.75 12.94
CA ALA B 118 -6.83 18.52 13.47
C ALA B 118 -7.74 17.30 13.37
N CYS B 119 -7.14 16.12 13.30
CA CYS B 119 -7.89 14.87 13.22
C CYS B 119 -7.60 14.06 14.45
N ILE B 120 -8.64 13.73 15.22
N ILE B 120 -8.66 13.70 15.17
CA ILE B 120 -8.45 13.00 16.46
CA ILE B 120 -8.58 12.99 16.44
C ILE B 120 -8.96 11.56 16.33
C ILE B 120 -8.98 11.52 16.29
N PRO B 121 -8.10 10.58 16.67
CA PRO B 121 -8.47 9.16 16.59
C PRO B 121 -9.65 8.83 17.49
N THR B 122 -10.53 7.95 17.04
CA THR B 122 -11.66 7.52 17.87
C THR B 122 -11.31 6.29 18.71
N GLY B 123 -10.29 5.52 18.30
CA GLY B 123 -9.85 4.30 19.03
C GLY B 123 -8.35 4.17 19.13
N PRO B 124 -7.87 3.05 19.73
CA PRO B 124 -6.44 2.76 19.99
C PRO B 124 -5.55 2.42 18.80
N TYR B 125 -6.16 1.99 17.70
CA TYR B 125 -5.44 1.60 16.48
C TYR B 125 -6.04 2.29 15.24
N PRO B 126 -5.97 3.64 15.21
CA PRO B 126 -6.47 4.42 14.09
C PRO B 126 -5.64 4.09 12.86
N CYS B 127 -6.27 4.16 11.70
CA CYS B 127 -5.55 3.85 10.49
C CYS B 127 -4.34 4.76 10.29
N GLY B 128 -3.35 4.19 9.65
CA GLY B 128 -2.16 4.94 9.29
C GLY B 128 -1.19 5.30 10.37
N LYS B 129 -1.39 4.79 11.58
CA LYS B 129 -0.45 5.09 12.66
C LYS B 129 0.39 3.90 12.98
N GLN B 130 1.70 4.11 12.98
CA GLN B 130 2.61 3.07 13.45
C GLN B 130 2.27 2.76 14.91
N THR B 131 2.41 1.51 15.31
CA THR B 131 2.07 1.08 16.67
C THR B 131 3.37 1.12 17.49
N LEU B 132 3.73 2.31 17.97
CA LEU B 132 5.00 2.49 18.69
C LEU B 132 4.80 2.87 20.16
C8 48U C . 4.03 -5.63 -17.67
C8 48U C . 3.99 -5.64 -17.64
C5 48U C . 9.53 -7.84 -9.10
C5 48U C . 9.55 -7.87 -9.09
C6 48U C . 8.65 -8.78 -9.42
C6 48U C . 8.68 -8.80 -9.50
N1 48U C . 8.81 -10.77 -11.27
N1 48U C . 8.85 -10.78 -11.33
C2 48U C . 9.66 -4.17 -8.42
C2 48U C . 9.60 -4.20 -8.44
N3 48U C . 3.58 -6.86 -18.36
N3 48U C . 3.60 -6.83 -18.42
C4 48U C . 9.24 -6.44 -8.78
C4 48U C . 9.22 -6.48 -8.78
C7 48U C . 2.61 -6.71 -19.45
C7 48U C . 2.57 -6.66 -19.45
C28 48U C . 3.98 -8.11 -18.12
C28 48U C . 4.08 -8.07 -18.29
O4 48U C . 3.43 -9.05 -18.66
O4 48U C . 3.71 -8.97 -19.03
C27 48U C . 5.09 -8.40 -17.15
C27 48U C . 5.10 -8.41 -17.25
C26 48U C . 6.35 -7.82 -17.24
C26 48U C . 4.75 -9.16 -16.14
C22 48U C . 7.31 -8.18 -16.32
C22 48U C . 5.74 -9.47 -15.22
F1 48U C . 8.53 -7.63 -16.38
F1 48U C . 5.42 -10.19 -14.13
C15 48U C . 7.05 -9.11 -15.31
C15 48U C . 7.05 -9.05 -15.37
C21 48U C . 5.79 -9.69 -15.26
C21 48U C . 7.37 -8.31 -16.51
C24 48U C . 4.81 -9.34 -16.17
C24 48U C . 6.41 -7.99 -17.45
N2 48U C . 8.07 -9.48 -14.38
N2 48U C . 8.06 -9.41 -14.42
C50 48U C . 7.95 -9.33 -13.04
C50 48U C . 7.89 -9.36 -13.07
O3 48U C . 7.02 -8.80 -12.45
O3 48U C . 6.90 -8.97 -12.48
C12 48U C . 9.19 -9.93 -12.38
C12 48U C . 9.16 -9.89 -12.42
C13 48U C . 9.89 -10.69 -13.52
C13 48U C . 9.91 -10.56 -13.57
C14 48U C . 9.33 -10.07 -14.79
C14 48U C . 9.38 -9.88 -14.83
S1 48U C . 9.25 -10.37 -9.77
S1 48U C . 9.33 -10.37 -9.84
O2 48U C . 8.58 -11.35 -8.97
O2 48U C . 8.69 -11.36 -9.01
O1 48U C . 10.69 -10.32 -9.84
O1 48U C . 10.75 -10.30 -9.93
S2 48U C . 7.67 -5.81 -8.39
S2 48U C . 7.64 -5.89 -8.40
C1 48U C . 8.33 -4.24 -8.21
C1 48U C . 8.26 -4.30 -8.23
CL1 48U C . 7.29 -2.92 -7.79
CL1 48U C . 7.20 -3.00 -7.82
C3 48U C . 10.19 -5.43 -8.75
C3 48U C . 10.15 -5.44 -8.76
#